data_2V3M
#
_entry.id   2V3M
#
_cell.length_a   103.534
_cell.length_b   103.534
_cell.length_c   109.031
_cell.angle_alpha   90.00
_cell.angle_beta   90.00
_cell.angle_gamma   120.00
#
_symmetry.space_group_name_H-M   'P 32 2 1'
#
loop_
_entity.id
_entity.type
_entity.pdbx_description
1 polymer NAF1
2 non-polymer 'SULFATE ION'
#
_entity_poly.entity_id   1
_entity_poly.type   'polypeptide(L)'
_entity_poly.pdbx_seq_one_letter_code
;(MSE)GPILSKNEILEETVPELPEDYEISEKTIITPIGVLKSAFENNIIIHAT(MSE)SGEKRVLKEGSIFCLEDRTLIG
(MSE)LTEVFGPLQNPFYRIKLPDSKKNLFDELKVRLGEKAFIVTPDAHWIDTFELKHHHHHH
;
_entity_poly.pdbx_strand_id   A,B,C,D,E,F
#
# COMPACT_ATOMS: atom_id res chain seq x y z
N VAL A 15 18.67 2.93 6.29
CA VAL A 15 18.69 2.17 5.00
C VAL A 15 19.33 0.80 5.24
N PRO A 16 19.06 -0.23 4.36
CA PRO A 16 19.58 -1.58 4.51
C PRO A 16 20.65 -2.03 3.44
N GLU A 17 21.56 -2.90 3.87
CA GLU A 17 22.77 -3.23 3.22
C GLU A 17 23.12 -4.67 3.35
N LEU A 18 23.77 -5.16 2.34
CA LEU A 18 23.88 -6.57 2.19
C LEU A 18 25.30 -7.04 2.33
N PRO A 19 25.54 -8.05 3.18
CA PRO A 19 26.91 -8.51 3.34
C PRO A 19 27.43 -9.04 2.01
N GLU A 20 28.74 -9.11 1.93
CA GLU A 20 29.37 -9.71 0.76
C GLU A 20 29.16 -11.21 0.61
N ASP A 21 29.34 -12.00 1.67
CA ASP A 21 29.20 -13.45 1.45
C ASP A 21 27.75 -13.87 1.31
N TYR A 22 26.82 -12.92 1.25
CA TYR A 22 25.43 -13.26 1.09
C TYR A 22 25.27 -13.73 -0.32
N GLU A 23 24.80 -14.95 -0.40
CA GLU A 23 24.41 -15.49 -1.69
C GLU A 23 23.04 -16.08 -1.68
N ILE A 24 22.27 -15.79 -2.75
CA ILE A 24 20.96 -16.37 -2.85
C ILE A 24 21.15 -17.85 -3.06
N SER A 25 20.57 -18.59 -2.14
CA SER A 25 20.60 -20.04 -2.23
C SER A 25 19.82 -20.58 -3.47
N GLU A 26 20.31 -21.65 -4.08
CA GLU A 26 19.69 -22.18 -5.30
C GLU A 26 18.29 -22.78 -5.16
N LYS A 27 17.94 -23.06 -3.92
CA LYS A 27 16.63 -23.50 -3.57
C LYS A 27 15.63 -22.38 -3.64
N THR A 28 16.01 -21.16 -3.27
CA THR A 28 14.94 -20.26 -2.94
C THR A 28 14.20 -19.85 -4.21
N ILE A 29 12.97 -19.36 -4.04
CA ILE A 29 12.13 -18.95 -5.16
C ILE A 29 12.53 -17.57 -5.60
N ILE A 30 12.62 -17.45 -6.90
CA ILE A 30 13.00 -16.26 -7.59
C ILE A 30 11.75 -15.87 -8.41
N THR A 31 11.42 -14.59 -8.50
CA THR A 31 10.22 -14.20 -9.27
C THR A 31 10.50 -13.06 -10.28
N PRO A 32 10.16 -13.24 -11.57
CA PRO A 32 10.51 -12.24 -12.57
C PRO A 32 9.89 -10.89 -12.16
N ILE A 33 10.59 -9.80 -12.35
CA ILE A 33 10.08 -8.55 -11.89
C ILE A 33 10.24 -7.42 -12.93
N GLY A 34 11.28 -7.50 -13.81
CA GLY A 34 11.53 -6.45 -14.82
C GLY A 34 12.82 -6.71 -15.59
N VAL A 35 13.44 -5.64 -16.10
CA VAL A 35 14.54 -5.84 -17.02
C VAL A 35 15.53 -4.85 -16.58
N LEU A 36 16.78 -5.26 -16.43
CA LEU A 36 17.84 -4.35 -16.01
C LEU A 36 18.07 -3.37 -17.15
N LYS A 37 17.79 -2.08 -16.92
CA LYS A 37 17.88 -1.12 -18.02
C LYS A 37 18.99 -0.11 -17.94
N SER A 38 19.55 0.14 -16.76
CA SER A 38 20.52 1.18 -16.63
C SER A 38 21.49 1.10 -15.41
N ALA A 39 22.69 1.68 -15.56
CA ALA A 39 23.69 1.65 -14.53
C ALA A 39 24.55 2.87 -14.65
N PHE A 40 24.28 3.81 -13.77
CA PHE A 40 25.14 5.01 -13.64
C PHE A 40 25.28 5.38 -12.17
N GLU A 41 26.46 5.82 -11.84
CA GLU A 41 26.75 6.35 -10.53
C GLU A 41 26.34 5.44 -9.45
N ASN A 42 26.84 4.23 -9.49
CA ASN A 42 26.44 3.22 -8.53
C ASN A 42 24.95 3.06 -8.42
N ASN A 43 24.12 3.67 -9.28
CA ASN A 43 22.72 3.23 -9.31
C ASN A 43 22.43 2.18 -10.39
N ILE A 44 21.58 1.22 -10.06
CA ILE A 44 21.11 0.27 -11.02
C ILE A 44 19.61 0.53 -11.17
N ILE A 45 19.16 0.61 -12.40
CA ILE A 45 17.79 0.94 -12.69
C ILE A 45 17.09 -0.28 -13.35
N ILE A 46 15.96 -0.70 -12.81
CA ILE A 46 15.21 -1.81 -13.37
C ILE A 46 13.82 -1.35 -13.83
N HIS A 47 13.39 -1.78 -15.00
CA HIS A 47 12.17 -1.25 -15.47
C HIS A 47 11.15 -2.31 -15.17
N ALA A 48 10.11 -1.96 -14.41
CA ALA A 48 9.08 -2.95 -14.06
C ALA A 48 8.41 -3.61 -15.28
N THR A 49 8.07 -4.89 -15.15
CA THR A 49 7.30 -5.69 -16.15
C THR A 49 6.12 -6.39 -15.53
N ARG A 55 4.47 -10.59 -8.99
CA ARG A 55 5.35 -9.44 -8.74
C ARG A 55 5.03 -8.61 -7.42
N VAL A 56 5.06 -9.31 -6.25
CA VAL A 56 4.67 -8.77 -4.92
C VAL A 56 5.86 -8.31 -4.07
N LEU A 57 6.13 -7.00 -4.14
CA LEU A 57 7.38 -6.38 -3.71
C LEU A 57 7.24 -5.80 -2.31
N LYS A 58 8.36 -5.82 -1.58
CA LYS A 58 8.46 -5.33 -0.18
C LYS A 58 9.47 -4.15 -0.03
N GLU A 59 9.57 -3.49 1.13
CA GLU A 59 10.75 -2.64 1.40
C GLU A 59 11.81 -3.65 1.71
N GLY A 60 13.04 -3.46 1.29
CA GLY A 60 14.00 -4.52 1.66
C GLY A 60 13.88 -5.80 0.79
N SER A 61 13.31 -5.68 -0.42
CA SER A 61 13.16 -6.88 -1.28
C SER A 61 14.48 -6.92 -2.00
N ILE A 62 15.01 -8.13 -2.24
CA ILE A 62 16.30 -8.23 -2.97
C ILE A 62 16.15 -8.63 -4.43
N PHE A 63 16.75 -7.84 -5.33
CA PHE A 63 16.76 -8.12 -6.74
C PHE A 63 17.98 -8.97 -7.08
N CYS A 64 17.82 -9.83 -8.08
CA CYS A 64 18.92 -10.64 -8.66
C CYS A 64 18.67 -10.92 -10.13
N LEU A 65 19.65 -11.43 -10.84
CA LEU A 65 19.49 -11.82 -12.20
C LEU A 65 18.93 -13.24 -12.14
N GLU A 66 18.63 -13.87 -13.28
CA GLU A 66 18.26 -15.28 -13.36
C GLU A 66 19.32 -16.20 -12.85
N ASP A 67 20.59 -15.84 -12.93
CA ASP A 67 21.59 -16.82 -12.44
C ASP A 67 21.83 -16.61 -10.95
N ARG A 68 20.92 -15.90 -10.33
CA ARG A 68 21.06 -15.57 -8.93
C ARG A 68 22.24 -14.65 -8.53
N THR A 69 22.74 -13.89 -9.51
CA THR A 69 23.69 -12.86 -9.26
C THR A 69 22.89 -11.79 -8.53
N LEU A 70 23.33 -11.49 -7.32
CA LEU A 70 22.63 -10.56 -6.48
C LEU A 70 22.85 -9.11 -6.90
N ILE A 71 21.74 -8.36 -7.18
CA ILE A 71 21.84 -6.97 -7.52
C ILE A 71 21.88 -6.07 -6.29
N GLY A 72 20.81 -6.13 -5.56
CA GLY A 72 20.83 -5.42 -4.26
C GLY A 72 19.41 -5.06 -3.84
N LEU A 74 16.05 -2.72 -2.76
CA LEU A 74 15.30 -1.58 -3.36
C LEU A 74 15.56 -0.24 -2.69
N THR A 75 15.78 0.79 -3.45
CA THR A 75 16.16 2.01 -2.79
C THR A 75 15.09 3.02 -3.06
N GLU A 76 14.68 3.07 -4.32
CA GLU A 76 13.60 3.92 -4.68
C GLU A 76 12.74 3.42 -5.84
N VAL A 77 11.45 3.69 -5.70
CA VAL A 77 10.50 3.38 -6.72
C VAL A 77 10.12 4.70 -7.34
N PHE A 78 10.29 4.83 -8.64
CA PHE A 78 9.76 6.02 -9.32
C PHE A 78 9.20 5.73 -10.72
N GLY A 79 8.91 6.73 -11.57
CA GLY A 79 8.20 6.49 -12.81
C GLY A 79 6.71 6.47 -12.51
N PRO A 80 5.86 6.18 -13.49
CA PRO A 80 4.36 6.10 -13.34
C PRO A 80 3.95 4.80 -12.73
N LEU A 81 2.77 4.79 -12.07
CA LEU A 81 2.34 3.63 -11.30
C LEU A 81 2.29 2.41 -12.22
N GLN A 82 1.82 2.59 -13.47
CA GLN A 82 1.63 1.46 -14.41
C GLN A 82 2.90 0.68 -14.74
N ASN A 83 3.97 1.41 -15.04
CA ASN A 83 5.26 0.81 -15.34
C ASN A 83 6.37 1.45 -14.55
N PRO A 84 6.47 1.15 -13.28
CA PRO A 84 7.38 1.79 -12.40
C PRO A 84 8.82 1.60 -12.85
N PHE A 85 9.75 2.28 -12.26
CA PHE A 85 11.18 1.98 -12.38
C PHE A 85 11.71 1.83 -11.00
N TYR A 86 12.61 0.86 -10.81
CA TYR A 86 13.12 0.61 -9.52
C TYR A 86 14.55 1.08 -9.51
N ARG A 87 14.95 1.79 -8.47
CA ARG A 87 16.36 2.17 -8.38
C ARG A 87 17.04 1.52 -7.19
N ILE A 88 18.17 0.82 -7.48
CA ILE A 88 18.97 0.13 -6.45
C ILE A 88 20.31 0.87 -6.38
N LYS A 89 20.56 1.55 -5.29
CA LYS A 89 21.79 2.19 -5.13
C LYS A 89 22.79 1.32 -4.45
N LEU A 90 23.93 0.96 -5.11
CA LEU A 90 24.96 0.14 -4.52
C LEU A 90 25.93 1.04 -3.67
N PRO A 91 26.50 0.50 -2.58
CA PRO A 91 27.53 1.24 -1.84
C PRO A 91 28.84 1.24 -2.61
N ASP A 92 29.80 2.05 -2.17
CA ASP A 92 31.13 2.07 -2.77
C ASP A 92 31.90 0.77 -2.76
N SER A 93 31.70 -0.02 -1.72
CA SER A 93 32.38 -1.29 -1.60
C SER A 93 31.95 -2.27 -2.69
N LYS A 94 30.82 -1.95 -3.33
CA LYS A 94 30.28 -2.82 -4.37
C LYS A 94 30.50 -2.36 -5.80
N LYS A 95 31.50 -1.52 -6.02
CA LYS A 95 31.99 -1.18 -7.34
C LYS A 95 32.23 -2.35 -8.32
N ASN A 96 32.85 -3.43 -7.85
CA ASN A 96 33.11 -4.57 -8.71
C ASN A 96 31.79 -5.18 -9.25
N LEU A 97 30.75 -5.08 -8.43
CA LEU A 97 29.47 -5.66 -8.75
C LEU A 97 28.77 -4.75 -9.74
N PHE A 98 28.87 -3.45 -9.48
CA PHE A 98 28.37 -2.42 -10.37
C PHE A 98 28.88 -2.57 -11.79
N ASP A 99 30.19 -2.67 -11.97
CA ASP A 99 30.82 -2.91 -13.27
C ASP A 99 30.37 -4.18 -13.98
N GLU A 100 30.10 -5.19 -13.17
CA GLU A 100 29.59 -6.43 -13.70
C GLU A 100 28.17 -6.29 -14.18
N LEU A 101 27.36 -5.53 -13.47
CA LEU A 101 25.99 -5.35 -13.89
C LEU A 101 25.89 -4.39 -15.03
N LYS A 102 26.60 -3.26 -14.99
CA LYS A 102 26.79 -2.33 -16.10
C LYS A 102 26.81 -3.06 -17.46
N VAL A 103 27.58 -4.11 -17.50
CA VAL A 103 27.81 -4.85 -18.69
C VAL A 103 26.68 -5.88 -19.01
N ARG A 104 25.75 -6.08 -18.10
CA ARG A 104 24.70 -7.03 -18.36
C ARG A 104 23.34 -6.41 -18.55
N LEU A 105 23.26 -5.13 -18.95
CA LEU A 105 22.03 -4.47 -19.28
C LEU A 105 21.16 -5.29 -20.18
N GLY A 106 19.84 -5.33 -19.92
CA GLY A 106 18.88 -5.96 -20.85
C GLY A 106 18.42 -7.34 -20.38
N GLU A 107 19.14 -7.91 -19.40
CA GLU A 107 18.82 -9.21 -18.80
C GLU A 107 17.63 -9.04 -17.88
N LYS A 108 16.82 -10.10 -17.78
CA LYS A 108 15.64 -10.10 -16.92
C LYS A 108 15.98 -10.01 -15.45
N ALA A 109 15.35 -9.12 -14.68
CA ALA A 109 15.63 -9.10 -13.24
C ALA A 109 14.53 -9.75 -12.42
N PHE A 110 14.89 -10.14 -11.22
CA PHE A 110 13.95 -10.95 -10.44
C PHE A 110 14.02 -10.47 -8.99
N ILE A 111 12.99 -10.82 -8.27
CA ILE A 111 12.88 -10.37 -6.94
C ILE A 111 12.86 -11.64 -6.11
N VAL A 112 13.71 -11.70 -5.10
CA VAL A 112 13.83 -12.91 -4.24
C VAL A 112 12.72 -12.96 -3.23
N THR A 113 12.26 -14.12 -2.87
CA THR A 113 11.04 -14.21 -2.02
C THR A 113 11.19 -15.15 -0.82
N VAL B 15 -40.76 -26.47 16.11
CA VAL B 15 -39.46 -25.80 15.70
C VAL B 15 -39.58 -24.31 15.41
N PRO B 16 -38.84 -23.45 16.15
CA PRO B 16 -38.80 -21.97 15.89
C PRO B 16 -37.91 -21.38 14.66
N GLU B 17 -38.40 -20.31 13.93
CA GLU B 17 -37.82 -19.37 12.90
C GLU B 17 -38.63 -18.07 12.98
N LEU B 18 -38.04 -16.97 12.57
CA LEU B 18 -38.64 -15.71 12.86
C LEU B 18 -39.37 -15.14 11.67
N PRO B 19 -40.42 -14.39 11.94
CA PRO B 19 -41.11 -13.61 10.93
C PRO B 19 -40.21 -12.47 10.52
N GLU B 20 -40.41 -11.95 9.33
CA GLU B 20 -39.59 -10.80 8.91
C GLU B 20 -39.82 -9.57 9.77
N ASP B 21 -41.02 -9.45 10.26
CA ASP B 21 -41.55 -8.28 10.83
C ASP B 21 -41.04 -8.20 12.30
N TYR B 22 -40.29 -9.23 12.69
CA TYR B 22 -39.96 -9.37 14.07
C TYR B 22 -38.85 -8.41 14.33
N GLU B 23 -39.06 -7.55 15.31
CA GLU B 23 -37.95 -6.78 15.87
C GLU B 23 -38.04 -6.82 17.37
N ILE B 24 -36.89 -6.72 18.02
CA ILE B 24 -36.91 -6.80 19.48
C ILE B 24 -37.44 -5.53 20.11
N SER B 25 -38.37 -5.68 21.04
CA SER B 25 -39.02 -4.58 21.67
C SER B 25 -38.00 -3.89 22.54
N GLU B 26 -37.93 -2.56 22.46
CA GLU B 26 -37.00 -1.81 23.28
C GLU B 26 -37.23 -1.85 24.73
N LYS B 27 -38.21 -2.65 25.10
CA LYS B 27 -38.49 -2.85 26.48
C LYS B 27 -38.20 -4.18 27.00
N THR B 28 -37.65 -5.05 26.19
CA THR B 28 -37.31 -6.34 26.72
C THR B 28 -35.83 -6.56 26.98
N ILE B 29 -35.56 -7.39 27.99
CA ILE B 29 -34.22 -7.54 28.57
C ILE B 29 -33.22 -8.19 27.64
N ILE B 30 -32.13 -7.47 27.42
CA ILE B 30 -31.01 -7.87 26.60
C ILE B 30 -29.92 -8.32 27.54
N THR B 31 -28.93 -9.07 27.08
CA THR B 31 -27.90 -9.57 27.99
C THR B 31 -26.67 -9.93 27.20
N PRO B 32 -25.52 -9.34 27.55
CA PRO B 32 -24.34 -9.57 26.74
C PRO B 32 -24.05 -11.04 26.79
N ILE B 33 -23.57 -11.58 25.68
CA ILE B 33 -23.34 -12.97 25.61
C ILE B 33 -21.98 -13.34 25.03
N GLY B 34 -21.38 -12.46 24.20
CA GLY B 34 -20.20 -12.84 23.39
C GLY B 34 -19.90 -11.78 22.34
N VAL B 35 -19.10 -12.09 21.34
CA VAL B 35 -18.73 -11.14 20.32
C VAL B 35 -18.96 -11.78 18.97
N LEU B 36 -19.53 -11.00 18.04
CA LEU B 36 -19.85 -11.48 16.70
C LEU B 36 -18.52 -11.72 16.04
N LYS B 37 -18.19 -12.96 15.67
CA LYS B 37 -16.81 -13.18 15.09
C LYS B 37 -16.68 -13.57 13.63
N SER B 38 -17.76 -14.08 13.07
CA SER B 38 -17.67 -14.62 11.71
C SER B 38 -18.98 -14.72 10.94
N ALA B 39 -18.88 -14.60 9.62
CA ALA B 39 -20.02 -14.62 8.76
C ALA B 39 -19.67 -15.22 7.43
N PHE B 40 -20.13 -16.42 7.21
CA PHE B 40 -19.95 -17.11 5.93
C PHE B 40 -21.17 -18.00 5.61
N GLU B 41 -21.50 -18.07 4.31
CA GLU B 41 -22.57 -18.91 3.81
C GLU B 41 -23.81 -18.86 4.66
N ASN B 42 -24.35 -17.67 4.83
CA ASN B 42 -25.48 -17.47 5.73
C ASN B 42 -25.34 -17.93 7.19
N ASN B 43 -24.12 -18.26 7.62
CA ASN B 43 -23.97 -18.56 9.03
C ASN B 43 -23.37 -17.43 9.74
N ILE B 44 -23.86 -17.14 10.93
CA ILE B 44 -23.17 -16.13 11.77
C ILE B 44 -22.58 -16.86 12.95
N ILE B 45 -21.34 -16.53 13.31
CA ILE B 45 -20.69 -17.22 14.42
C ILE B 45 -20.38 -16.25 15.56
N ILE B 46 -20.88 -16.52 16.76
CA ILE B 46 -20.60 -15.65 17.89
C ILE B 46 -19.71 -16.40 18.87
N HIS B 47 -18.75 -15.74 19.50
CA HIS B 47 -17.88 -16.45 20.46
C HIS B 47 -18.37 -16.44 21.90
N SER B 61 -33.40 -19.20 21.54
CA SER B 61 -32.89 -17.97 22.12
C SER B 61 -32.55 -17.10 20.95
N ILE B 62 -32.83 -15.80 21.06
CA ILE B 62 -32.61 -14.82 20.00
C ILE B 62 -31.37 -13.94 20.28
N PHE B 63 -30.51 -13.79 19.29
CA PHE B 63 -29.32 -12.97 19.41
C PHE B 63 -29.62 -11.67 18.71
N CYS B 64 -29.03 -10.61 19.26
CA CYS B 64 -29.05 -9.31 18.64
C CYS B 64 -27.80 -8.52 19.00
N LEU B 65 -27.68 -7.34 18.39
CA LEU B 65 -26.59 -6.44 18.71
C LEU B 65 -27.03 -5.50 19.80
N GLU B 66 -26.15 -4.59 20.22
CA GLU B 66 -26.50 -3.64 21.24
C GLU B 66 -27.57 -2.68 20.84
N ASP B 67 -27.66 -2.38 19.55
CA ASP B 67 -28.77 -1.47 19.12
C ASP B 67 -30.04 -2.28 18.83
N ARG B 68 -30.03 -3.58 19.20
CA ARG B 68 -31.18 -4.44 19.06
C ARG B 68 -31.47 -4.87 17.62
N THR B 69 -30.49 -4.69 16.74
CA THR B 69 -30.49 -5.27 15.41
C THR B 69 -30.50 -6.77 15.61
N LEU B 70 -31.55 -7.39 15.09
CA LEU B 70 -31.76 -8.78 15.25
C LEU B 70 -30.66 -9.53 14.47
N ILE B 71 -30.00 -10.49 15.13
CA ILE B 71 -29.17 -11.52 14.43
C ILE B 71 -29.96 -12.77 14.05
N GLY B 72 -30.40 -13.57 15.00
CA GLY B 72 -31.40 -14.60 14.65
C GLY B 72 -31.48 -15.57 15.76
N LEU B 74 -30.54 -19.14 17.76
CA LEU B 74 -29.50 -20.12 17.96
C LEU B 74 -29.83 -21.33 17.07
N THR B 75 -28.86 -21.76 16.26
CA THR B 75 -28.98 -23.01 15.51
C THR B 75 -28.13 -24.10 16.15
N GLU B 76 -26.94 -23.76 16.66
CA GLU B 76 -25.96 -24.74 17.14
C GLU B 76 -24.99 -24.14 18.14
N VAL B 77 -24.73 -24.90 19.19
CA VAL B 77 -23.68 -24.59 20.13
C VAL B 77 -22.53 -25.55 19.92
N PHE B 78 -21.33 -25.05 19.58
CA PHE B 78 -20.17 -25.93 19.46
C PHE B 78 -18.98 -25.33 20.23
N GLY B 79 -17.81 -25.94 20.11
CA GLY B 79 -16.64 -25.41 20.73
C GLY B 79 -16.53 -26.04 22.09
N PRO B 80 -15.51 -25.66 22.84
CA PRO B 80 -15.36 -26.25 24.15
C PRO B 80 -16.40 -25.66 25.11
N LEU B 81 -16.69 -26.40 26.18
CA LEU B 81 -17.69 -25.97 27.13
C LEU B 81 -17.30 -24.60 27.72
N GLN B 82 -16.01 -24.41 28.03
CA GLN B 82 -15.53 -23.18 28.70
C GLN B 82 -15.73 -21.96 27.86
N ASN B 83 -15.51 -22.07 26.57
CA ASN B 83 -15.66 -20.91 25.69
C ASN B 83 -16.41 -21.31 24.44
N PRO B 84 -17.72 -21.47 24.55
CA PRO B 84 -18.56 -21.93 23.44
C PRO B 84 -18.56 -20.96 22.28
N PHE B 85 -19.00 -21.46 21.14
CA PHE B 85 -19.25 -20.73 19.95
C PHE B 85 -20.73 -20.93 19.57
N TYR B 86 -21.41 -19.86 19.19
CA TYR B 86 -22.79 -19.98 18.74
C TYR B 86 -22.90 -19.74 17.26
N ARG B 87 -23.63 -20.63 16.58
CA ARG B 87 -23.83 -20.49 15.20
C ARG B 87 -25.29 -20.17 15.00
N ILE B 88 -25.52 -19.18 14.16
CA ILE B 88 -26.88 -18.77 13.80
C ILE B 88 -26.97 -18.86 12.33
N LYS B 89 -27.80 -19.76 11.85
CA LYS B 89 -27.96 -19.93 10.43
C LYS B 89 -29.15 -19.09 9.99
N LEU B 90 -28.88 -18.16 9.06
CA LEU B 90 -29.93 -17.31 8.49
C LEU B 90 -30.46 -17.95 7.26
N PRO B 91 -31.78 -17.84 7.04
CA PRO B 91 -32.39 -18.35 5.81
C PRO B 91 -32.04 -17.48 4.61
N ASP B 92 -32.31 -17.99 3.42
CA ASP B 92 -32.06 -17.26 2.17
C ASP B 92 -32.74 -15.92 2.13
N SER B 93 -33.94 -15.85 2.69
CA SER B 93 -34.71 -14.59 2.70
C SER B 93 -34.05 -13.45 3.48
N LYS B 94 -33.07 -13.78 4.29
CA LYS B 94 -32.44 -12.77 5.12
C LYS B 94 -31.01 -12.43 4.70
N LYS B 95 -30.76 -12.56 3.40
CA LYS B 95 -29.46 -12.27 2.82
C LYS B 95 -29.05 -10.82 3.13
N ASN B 96 -30.02 -9.91 3.03
CA ASN B 96 -29.76 -8.52 3.29
C ASN B 96 -29.29 -8.32 4.72
N LEU B 97 -29.82 -9.12 5.63
CA LEU B 97 -29.39 -9.06 7.01
C LEU B 97 -27.98 -9.63 7.18
N PHE B 98 -27.69 -10.70 6.45
CA PHE B 98 -26.39 -11.32 6.51
C PHE B 98 -25.32 -10.31 6.12
N ASP B 99 -25.52 -9.67 4.97
CA ASP B 99 -24.58 -8.67 4.47
C ASP B 99 -24.37 -7.51 5.44
N GLU B 100 -25.40 -7.17 6.20
CA GLU B 100 -25.27 -6.12 7.20
C GLU B 100 -24.49 -6.61 8.40
N LEU B 101 -24.60 -7.88 8.72
CA LEU B 101 -23.95 -8.35 9.88
C LEU B 101 -22.56 -8.74 9.54
N LYS B 102 -22.33 -9.12 8.27
CA LYS B 102 -21.01 -9.46 7.72
C LYS B 102 -20.06 -8.32 7.99
N VAL B 103 -20.62 -7.13 8.00
CA VAL B 103 -19.85 -5.95 7.98
C VAL B 103 -19.62 -5.47 9.40
N ARG B 104 -20.27 -6.12 10.35
CA ARG B 104 -20.32 -5.64 11.73
C ARG B 104 -19.54 -6.52 12.71
N LEU B 105 -18.73 -7.41 12.16
CA LEU B 105 -17.90 -8.30 12.96
C LEU B 105 -17.17 -7.54 14.07
N GLY B 106 -17.15 -8.11 15.26
CA GLY B 106 -16.33 -7.52 16.33
C GLY B 106 -17.17 -6.84 17.37
N GLU B 107 -18.42 -6.53 17.02
CA GLU B 107 -19.42 -5.93 17.94
C GLU B 107 -19.87 -6.94 18.96
N LYS B 108 -20.27 -6.45 20.15
CA LYS B 108 -20.82 -7.39 21.21
C LYS B 108 -22.17 -7.92 20.79
N ALA B 109 -22.40 -9.19 21.03
CA ALA B 109 -23.70 -9.74 20.84
C ALA B 109 -24.34 -9.95 22.19
N PHE B 110 -25.66 -10.01 22.14
CA PHE B 110 -26.51 -10.16 23.30
C PHE B 110 -27.60 -11.24 23.02
N ILE B 111 -28.16 -11.77 24.11
CA ILE B 111 -29.18 -12.75 24.08
C ILE B 111 -30.41 -12.07 24.67
N VAL B 112 -31.51 -12.10 23.91
CA VAL B 112 -32.83 -11.62 24.34
C VAL B 112 -33.45 -12.45 25.48
N THR B 113 -34.25 -11.84 26.34
CA THR B 113 -34.70 -12.57 27.54
C THR B 113 -36.20 -12.68 27.93
N GLU C 13 13.68 8.28 7.94
CA GLU C 13 13.45 9.76 7.96
C GLU C 13 14.52 10.46 8.77
N THR C 14 15.07 11.50 8.14
CA THR C 14 15.78 12.60 8.78
C THR C 14 14.80 13.75 9.18
N VAL C 15 14.67 14.04 10.49
CA VAL C 15 13.93 15.26 10.91
C VAL C 15 14.84 16.50 11.16
N PRO C 16 14.85 17.40 10.14
CA PRO C 16 15.60 18.59 9.99
C PRO C 16 15.52 19.44 11.18
N GLU C 17 16.45 20.39 11.17
CA GLU C 17 16.41 21.14 12.32
C GLU C 17 16.98 22.49 12.65
N LEU C 18 16.01 23.36 12.74
CA LEU C 18 16.27 24.70 12.83
C LEU C 18 16.57 24.93 14.26
N PRO C 19 17.43 25.87 14.55
CA PRO C 19 17.66 26.31 15.92
C PRO C 19 16.44 26.91 16.57
N GLU C 20 16.28 26.69 17.88
CA GLU C 20 15.04 27.09 18.50
C GLU C 20 14.96 28.56 18.61
N ASP C 21 15.97 29.31 18.23
CA ASP C 21 15.77 30.77 18.32
C ASP C 21 15.90 31.41 16.95
N TYR C 22 15.55 30.64 15.94
CA TYR C 22 15.52 31.10 14.59
C TYR C 22 14.17 31.54 14.38
N GLU C 23 14.10 32.82 14.05
CA GLU C 23 12.84 33.43 13.64
C GLU C 23 13.04 34.08 12.29
N ILE C 24 11.99 34.11 11.47
CA ILE C 24 12.19 34.81 10.20
C ILE C 24 12.18 36.32 10.30
N SER C 25 13.24 36.92 9.83
CA SER C 25 13.42 38.38 10.03
C SER C 25 12.36 39.22 9.26
N GLU C 26 11.91 40.29 9.86
CA GLU C 26 10.85 41.07 9.22
C GLU C 26 11.28 41.67 7.86
N LYS C 27 12.59 41.93 7.77
CA LYS C 27 13.26 42.33 6.54
C LYS C 27 13.32 41.31 5.40
N THR C 28 13.13 40.04 5.67
CA THR C 28 13.46 39.06 4.66
C THR C 28 12.29 38.90 3.69
N ILE C 29 12.60 38.57 2.43
CA ILE C 29 11.57 38.42 1.39
C ILE C 29 10.77 37.12 1.56
N ILE C 30 9.45 37.27 1.59
CA ILE C 30 8.53 36.18 1.80
C ILE C 30 7.81 36.04 0.47
N THR C 31 7.39 34.85 0.13
CA THR C 31 6.76 34.66 -1.16
C THR C 31 5.65 33.64 -1.07
N PRO C 32 4.46 33.99 -1.53
CA PRO C 32 3.30 33.10 -1.36
C PRO C 32 3.52 31.87 -2.18
N ILE C 33 3.22 30.70 -1.60
CA ILE C 33 3.60 29.46 -2.22
C ILE C 33 2.42 28.54 -2.37
N GLY C 34 1.46 28.65 -1.46
CA GLY C 34 0.36 27.71 -1.41
C GLY C 34 -0.59 27.89 -0.25
N VAL C 35 -1.24 26.81 0.18
CA VAL C 35 -2.21 26.83 1.29
C VAL C 35 -1.92 25.70 2.25
N LEU C 36 -1.89 26.01 3.53
CA LEU C 36 -1.67 25.03 4.57
C LEU C 36 -2.93 24.19 4.64
N LYS C 37 -2.85 22.92 4.30
CA LYS C 37 -4.09 22.13 4.20
C LYS C 37 -4.24 21.03 5.27
N SER C 38 -3.12 20.45 5.74
CA SER C 38 -3.23 19.28 6.62
C SER C 38 -2.15 19.11 7.70
N ALA C 39 -2.54 18.59 8.86
CA ALA C 39 -1.60 18.42 9.98
C ALA C 39 -1.91 17.12 10.74
N PHE C 40 -1.06 16.11 10.52
CA PHE C 40 -1.15 14.84 11.21
C PHE C 40 0.21 14.24 11.52
N GLU C 41 0.32 13.65 12.70
CA GLU C 41 1.53 13.01 13.18
C GLU C 41 2.78 13.81 12.90
N ASN C 42 2.81 15.03 13.39
CA ASN C 42 3.90 15.94 13.20
C ASN C 42 4.24 16.26 11.76
N ASN C 43 3.35 15.98 10.84
CA ASN C 43 3.57 16.42 9.46
C ASN C 43 2.68 17.57 9.11
N ILE C 44 3.20 18.52 8.34
CA ILE C 44 2.40 19.64 7.87
C ILE C 44 2.31 19.53 6.40
N ILE C 45 1.14 19.68 5.82
CA ILE C 45 1.08 19.54 4.34
C ILE C 45 0.60 20.78 3.70
N ILE C 46 1.40 21.31 2.79
CA ILE C 46 1.03 22.49 2.05
C ILE C 46 0.62 22.17 0.60
N HIS C 47 -0.48 22.73 0.11
CA HIS C 47 -0.91 22.47 -1.25
C HIS C 47 -0.61 23.69 -2.13
N ALA C 48 0.19 23.48 -3.17
CA ALA C 48 0.48 24.59 -4.02
C ALA C 48 -0.69 24.75 -5.00
N THR C 49 -1.77 25.44 -4.60
CA THR C 49 -2.94 25.53 -5.51
C THR C 49 -2.95 26.84 -6.37
N SER C 51 -2.11 29.54 -9.12
CA SER C 51 -1.77 29.59 -10.53
C SER C 51 -0.46 30.28 -10.93
N GLY C 52 -0.02 30.02 -12.16
CA GLY C 52 1.27 30.50 -12.68
C GLY C 52 2.26 29.35 -12.86
N GLU C 53 3.52 29.68 -13.10
CA GLU C 53 4.58 28.68 -13.17
C GLU C 53 4.87 28.03 -11.82
N LYS C 54 4.81 26.70 -11.74
CA LYS C 54 5.30 26.08 -10.51
C LYS C 54 6.81 25.85 -10.55
N ARG C 55 7.46 26.32 -9.48
CA ARG C 55 8.88 26.22 -9.27
C ARG C 55 9.08 24.84 -8.68
N VAL C 56 10.21 24.19 -8.94
CA VAL C 56 10.59 22.95 -8.25
C VAL C 56 11.40 23.38 -7.01
N LEU C 57 10.96 23.05 -5.81
CA LEU C 57 11.65 23.61 -4.63
C LEU C 57 12.94 22.88 -4.35
N LYS C 58 14.03 23.57 -4.07
CA LYS C 58 15.31 22.89 -3.75
C LYS C 58 15.20 22.49 -2.26
N GLU C 59 16.25 21.88 -1.76
CA GLU C 59 16.36 21.36 -0.43
C GLU C 59 16.62 22.57 0.38
N GLY C 60 16.13 22.60 1.62
CA GLY C 60 16.38 23.69 2.56
C GLY C 60 15.41 24.86 2.57
N SER C 61 14.31 24.81 1.84
CA SER C 61 13.44 25.98 1.78
C SER C 61 12.61 26.08 3.03
N ILE C 62 12.41 27.31 3.55
CA ILE C 62 11.68 27.45 4.78
C ILE C 62 10.29 27.95 4.48
N PHE C 63 9.29 27.35 5.14
CA PHE C 63 7.89 27.78 4.99
C PHE C 63 7.46 28.47 6.22
N CYS C 64 6.61 29.48 6.06
CA CYS C 64 6.06 30.25 7.17
C CYS C 64 4.70 30.75 6.78
N LEU C 65 3.96 31.33 7.74
CA LEU C 65 2.68 31.95 7.42
C LEU C 65 2.93 33.39 7.08
N GLU C 66 1.86 34.13 6.82
CA GLU C 66 1.97 35.55 6.50
C GLU C 66 2.46 36.39 7.66
N ASP C 67 2.19 35.94 8.88
CA ASP C 67 2.73 36.68 10.03
C ASP C 67 4.12 36.26 10.41
N ARG C 68 4.73 35.47 9.51
CA ARG C 68 6.10 34.97 9.66
C ARG C 68 6.27 33.86 10.74
N THR C 69 5.14 33.39 11.28
CA THR C 69 5.11 32.16 12.07
C THR C 69 5.75 31.02 11.28
N LEU C 70 6.86 30.54 11.80
CA LEU C 70 7.70 29.61 11.11
C LEU C 70 6.98 28.26 11.04
N ILE C 71 6.88 27.66 9.86
CA ILE C 71 6.39 26.29 9.76
C ILE C 71 7.53 25.29 9.87
N GLY C 72 8.48 25.37 8.93
CA GLY C 72 9.62 24.48 9.01
C GLY C 72 10.32 24.38 7.69
N LEU C 74 11.44 22.27 4.20
CA LEU C 74 10.86 21.27 3.33
C LEU C 74 11.39 19.90 3.69
N THR C 75 10.51 18.94 3.81
CA THR C 75 10.93 17.55 3.96
C THR C 75 10.75 16.72 2.72
N GLU C 76 9.63 16.87 2.01
CA GLU C 76 9.39 16.11 0.78
C GLU C 76 8.49 16.91 -0.16
N VAL C 77 8.73 16.76 -1.46
CA VAL C 77 7.79 17.24 -2.41
C VAL C 77 7.06 16.09 -3.07
N PHE C 78 5.74 16.07 -3.12
CA PHE C 78 5.08 14.97 -3.79
C PHE C 78 3.88 15.58 -4.59
N GLY C 79 3.09 14.69 -5.17
CA GLY C 79 2.02 15.13 -5.96
C GLY C 79 2.45 15.40 -7.39
N PRO C 80 1.47 15.69 -8.23
CA PRO C 80 1.79 15.85 -9.63
C PRO C 80 2.65 17.10 -9.77
N LEU C 81 3.40 17.19 -10.84
CA LEU C 81 4.26 18.35 -11.01
C LEU C 81 3.50 19.64 -11.15
N GLN C 82 2.33 19.59 -11.83
CA GLN C 82 1.45 20.80 -11.98
C GLN C 82 1.01 21.42 -10.65
N ASN C 83 0.60 20.59 -9.65
CA ASN C 83 0.10 21.06 -8.35
C ASN C 83 0.76 20.15 -7.36
N PRO C 84 1.94 20.57 -6.94
CA PRO C 84 2.71 19.91 -5.90
C PRO C 84 2.05 19.96 -4.56
N PHE C 85 2.45 19.06 -3.70
CA PHE C 85 2.12 19.19 -2.31
C PHE C 85 3.46 19.28 -1.61
N TYR C 86 3.52 20.00 -0.53
CA TYR C 86 4.77 19.97 0.26
C TYR C 86 4.60 19.38 1.63
N ARG C 87 5.48 18.51 2.02
CA ARG C 87 5.36 18.03 3.41
C ARG C 87 6.47 18.57 4.27
N ILE C 88 6.09 19.16 5.41
CA ILE C 88 7.08 19.57 6.45
C ILE C 88 6.95 18.62 7.68
N LYS C 89 7.96 17.84 8.00
CA LYS C 89 7.89 17.00 9.18
C LYS C 89 8.51 17.69 10.34
N LEU C 90 7.72 18.00 11.36
CA LEU C 90 8.28 18.68 12.55
C LEU C 90 8.87 17.71 13.61
N PRO C 91 9.97 18.10 14.29
CA PRO C 91 10.51 17.18 15.26
C PRO C 91 9.60 17.11 16.46
N ASP C 92 9.84 16.14 17.32
CA ASP C 92 9.10 16.03 18.56
C ASP C 92 9.18 17.26 19.45
N SER C 93 10.34 17.93 19.45
CA SER C 93 10.52 19.13 20.26
C SER C 93 9.58 20.27 19.84
N LYS C 94 8.99 20.20 18.66
CA LYS C 94 8.12 21.28 18.22
C LYS C 94 6.62 20.94 18.22
N LYS C 95 6.24 20.10 19.16
CA LYS C 95 4.87 19.70 19.28
C LYS C 95 3.92 20.87 19.50
N ASN C 96 4.35 21.82 20.34
CA ASN C 96 3.62 23.06 20.57
C ASN C 96 3.31 23.85 19.28
N LEU C 97 4.28 23.88 18.36
CA LEU C 97 4.12 24.53 17.07
C LEU C 97 3.10 23.79 16.20
N PHE C 98 3.23 22.46 16.15
CA PHE C 98 2.31 21.61 15.41
C PHE C 98 0.89 21.92 15.82
N ASP C 99 0.60 21.85 17.12
CA ASP C 99 -0.74 22.14 17.61
C ASP C 99 -1.23 23.52 17.16
N GLU C 100 -0.30 24.46 17.07
CA GLU C 100 -0.67 25.80 16.69
C GLU C 100 -0.99 25.80 15.22
N LEU C 101 -0.30 25.00 14.45
CA LEU C 101 -0.53 25.07 13.04
C LEU C 101 -1.80 24.30 12.73
N LYS C 102 -1.96 23.19 13.43
CA LYS C 102 -3.11 22.27 13.31
C LYS C 102 -4.39 23.09 13.26
N VAL C 103 -4.34 24.21 13.94
CA VAL C 103 -5.52 24.98 14.20
C VAL C 103 -5.66 26.03 13.13
N ARG C 104 -4.65 26.16 12.26
CA ARG C 104 -4.54 27.30 11.35
C ARG C 104 -4.66 26.86 9.87
N LEU C 105 -5.14 25.65 9.71
CA LEU C 105 -5.47 25.15 8.40
C LEU C 105 -6.26 26.17 7.57
N GLY C 106 -5.86 26.32 6.32
CA GLY C 106 -6.60 27.24 5.43
C GLY C 106 -5.88 28.55 5.15
N GLU C 107 -4.98 28.94 6.05
CA GLU C 107 -4.12 30.08 5.81
C GLU C 107 -3.10 29.85 4.69
N LYS C 108 -2.70 30.94 4.03
CA LYS C 108 -1.73 30.92 2.96
C LYS C 108 -0.36 30.56 3.53
N ALA C 109 0.40 29.70 2.86
CA ALA C 109 1.77 29.54 3.27
C ALA C 109 2.69 30.27 2.33
N PHE C 110 3.87 30.60 2.82
CA PHE C 110 4.85 31.31 2.04
C PHE C 110 6.14 30.62 2.18
N ILE C 111 7.04 30.93 1.26
CA ILE C 111 8.41 30.40 1.23
C ILE C 111 9.40 31.61 1.47
N VAL C 112 10.30 31.44 2.44
CA VAL C 112 11.32 32.43 2.74
C VAL C 112 12.30 32.52 1.57
N THR C 113 12.93 33.68 1.38
CA THR C 113 13.94 33.87 0.29
C THR C 113 15.22 34.65 0.66
N GLU D 13 -1.82 5.63 -22.21
CA GLU D 13 -3.13 5.33 -22.87
C GLU D 13 -4.12 4.68 -21.87
N THR D 14 -3.83 3.46 -21.42
CA THR D 14 -4.70 2.75 -20.48
C THR D 14 -4.46 3.19 -19.05
N VAL D 15 -5.58 3.48 -18.36
CA VAL D 15 -5.63 3.97 -16.99
C VAL D 15 -6.97 3.40 -16.46
N PRO D 16 -7.00 2.91 -15.21
CA PRO D 16 -8.24 2.55 -14.40
C PRO D 16 -8.93 3.60 -13.41
N GLU D 17 -10.31 3.94 -13.43
CA GLU D 17 -11.28 4.68 -12.49
C GLU D 17 -12.27 3.67 -11.99
N LEU D 18 -13.15 4.04 -11.10
CA LEU D 18 -14.02 3.09 -10.55
C LEU D 18 -15.39 3.55 -10.96
N PRO D 19 -16.23 2.62 -11.36
CA PRO D 19 -17.65 2.90 -11.54
C PRO D 19 -18.25 3.34 -10.22
N GLU D 20 -19.26 4.20 -10.22
CA GLU D 20 -20.00 4.45 -8.99
C GLU D 20 -20.48 3.16 -8.35
N ASP D 21 -21.16 2.23 -9.07
CA ASP D 21 -21.82 1.11 -8.35
C ASP D 21 -20.81 0.01 -7.92
N TYR D 22 -19.53 0.29 -8.09
CA TYR D 22 -18.50 -0.64 -7.71
C TYR D 22 -18.50 -0.88 -6.25
N GLU D 23 -18.51 -2.13 -5.89
CA GLU D 23 -18.66 -2.48 -4.52
C GLU D 23 -17.74 -3.73 -4.38
N ILE D 24 -16.97 -3.81 -3.31
CA ILE D 24 -16.02 -4.90 -3.17
C ILE D 24 -16.79 -6.11 -2.75
N SER D 25 -16.58 -7.23 -3.40
CA SER D 25 -17.43 -8.34 -3.01
C SER D 25 -16.95 -9.00 -1.72
N GLU D 26 -17.92 -9.46 -0.92
CA GLU D 26 -17.62 -10.03 0.41
C GLU D 26 -16.68 -11.20 0.32
N LYS D 27 -16.57 -11.77 -0.87
CA LYS D 27 -15.63 -12.86 -1.00
C LYS D 27 -14.25 -12.53 -1.46
N THR D 28 -13.95 -11.27 -1.67
CA THR D 28 -12.59 -11.04 -2.00
C THR D 28 -11.72 -10.67 -0.83
N ILE D 29 -10.45 -10.95 -0.98
CA ILE D 29 -9.50 -10.89 0.10
C ILE D 29 -9.11 -9.45 0.40
N ILE D 30 -9.22 -9.10 1.66
CA ILE D 30 -8.88 -7.76 2.12
C ILE D 30 -7.65 -7.92 2.98
N THR D 31 -6.75 -6.96 2.91
CA THR D 31 -5.47 -7.03 3.59
C THR D 31 -5.21 -5.70 4.25
N PRO D 32 -4.89 -5.72 5.55
CA PRO D 32 -4.61 -4.47 6.30
C PRO D 32 -3.34 -3.85 5.75
N ILE D 33 -3.34 -2.54 5.54
CA ILE D 33 -2.28 -1.83 4.83
C ILE D 33 -1.80 -0.59 5.58
N GLY D 34 -2.66 0.01 6.38
CA GLY D 34 -2.28 1.24 7.06
C GLY D 34 -3.40 1.83 7.89
N VAL D 35 -3.27 3.13 8.16
CA VAL D 35 -4.29 3.82 8.93
C VAL D 35 -4.75 5.06 8.23
N LEU D 36 -6.05 5.27 8.14
CA LEU D 36 -6.64 6.45 7.50
C LEU D 36 -6.27 7.65 8.33
N LYS D 37 -5.48 8.57 7.78
CA LYS D 37 -4.97 9.68 8.64
C LYS D 37 -5.44 11.06 8.28
N SER D 38 -5.79 11.31 7.03
CA SER D 38 -6.10 12.66 6.65
C SER D 38 -7.06 12.76 5.46
N ALA D 39 -7.86 13.84 5.46
CA ALA D 39 -8.84 14.08 4.42
C ALA D 39 -9.04 15.56 4.19
N PHE D 40 -8.49 16.00 3.07
CA PHE D 40 -8.64 17.38 2.66
C PHE D 40 -8.73 17.54 1.13
N GLU D 41 -9.67 18.38 0.67
CA GLU D 41 -9.78 18.74 -0.74
C GLU D 41 -9.90 17.51 -1.61
N ASN D 42 -10.83 16.65 -1.25
CA ASN D 42 -10.95 15.39 -1.96
C ASN D 42 -9.78 14.46 -1.98
N ASN D 43 -8.77 14.70 -1.15
CA ASN D 43 -7.73 13.69 -1.05
C ASN D 43 -7.85 12.94 0.22
N ILE D 44 -7.68 11.65 0.15
CA ILE D 44 -7.53 10.84 1.33
C ILE D 44 -6.08 10.38 1.52
N ILE D 45 -5.53 10.46 2.72
CA ILE D 45 -4.18 10.06 2.90
C ILE D 45 -4.15 8.93 3.83
N ILE D 46 -3.55 7.81 3.47
CA ILE D 46 -3.43 6.68 4.34
C ILE D 46 -1.97 6.52 4.77
N HIS D 47 -1.70 6.23 6.01
CA HIS D 47 -0.33 6.11 6.38
C HIS D 47 -0.03 4.65 6.82
N ALA D 48 0.86 3.93 6.08
CA ALA D 48 1.36 2.62 6.51
C ALA D 48 2.07 2.70 7.86
N VAL D 56 5.02 -1.16 -1.26
CA VAL D 56 5.31 -0.94 -2.69
C VAL D 56 4.11 -1.42 -3.54
N LEU D 57 2.98 -0.71 -3.35
CA LEU D 57 1.70 -1.05 -3.98
C LEU D 57 1.65 -0.77 -5.47
N LYS D 58 1.02 -1.67 -6.23
CA LYS D 58 0.80 -1.47 -7.67
C LYS D 58 -0.16 -0.30 -8.06
N GLU D 59 -0.46 -0.21 -9.35
CA GLU D 59 -1.19 0.89 -9.93
C GLU D 59 -2.63 0.59 -9.90
N GLY D 60 -3.37 1.56 -9.41
CA GLY D 60 -4.83 1.34 -9.11
C GLY D 60 -5.27 0.17 -8.23
N SER D 61 -4.57 -0.06 -7.11
CA SER D 61 -4.92 -0.96 -6.05
C SER D 61 -6.04 -0.21 -5.40
N ILE D 62 -7.06 -0.93 -4.89
CA ILE D 62 -8.24 -0.33 -4.29
C ILE D 62 -8.17 -0.40 -2.76
N PHE D 63 -8.34 0.74 -2.09
CA PHE D 63 -8.35 0.79 -0.61
C PHE D 63 -9.75 0.77 -0.08
N CYS D 64 -9.90 0.17 1.08
CA CYS D 64 -11.19 0.11 1.70
C CYS D 64 -11.11 0.01 3.25
N LEU D 65 -12.18 0.30 3.95
CA LEU D 65 -12.15 0.10 5.40
C LEU D 65 -12.37 -1.35 5.73
N GLU D 66 -12.27 -1.71 7.01
CA GLU D 66 -12.58 -3.05 7.43
C GLU D 66 -13.99 -3.49 7.11
N ASP D 67 -14.99 -2.60 7.18
CA ASP D 67 -16.34 -3.01 6.77
C ASP D 67 -16.51 -3.08 5.26
N ARG D 68 -15.40 -2.96 4.51
CA ARG D 68 -15.43 -2.95 3.04
C ARG D 68 -16.07 -1.72 2.38
N THR D 69 -16.33 -0.67 3.17
CA THR D 69 -16.55 0.68 2.61
C THR D 69 -15.41 1.03 1.72
N LEU D 70 -15.73 1.22 0.46
CA LEU D 70 -14.72 1.56 -0.49
C LEU D 70 -14.12 2.96 -0.17
N ILE D 71 -12.78 3.05 0.00
CA ILE D 71 -12.09 4.36 -0.15
C ILE D 71 -11.80 4.79 -1.55
N GLY D 72 -11.09 4.02 -2.37
CA GLY D 72 -10.77 4.47 -3.75
C GLY D 72 -9.48 3.85 -4.24
N LEU D 74 -5.53 3.83 -5.44
CA LEU D 74 -4.26 4.60 -5.31
C LEU D 74 -4.12 5.76 -6.37
N THR D 75 -3.73 6.96 -5.91
CA THR D 75 -3.31 7.94 -6.86
C THR D 75 -1.83 8.14 -6.76
N GLU D 76 -1.26 8.23 -5.54
CA GLU D 76 0.13 8.50 -5.38
C GLU D 76 0.67 7.79 -4.17
N VAL D 77 1.92 7.31 -4.30
CA VAL D 77 2.74 6.94 -3.14
C VAL D 77 3.81 7.95 -2.85
N PHE D 78 3.83 8.52 -1.65
CA PHE D 78 4.96 9.37 -1.31
C PHE D 78 5.51 8.97 0.10
N GLY D 79 6.40 9.79 0.68
CA GLY D 79 6.88 9.54 1.98
C GLY D 79 8.05 8.62 1.89
N PRO D 80 8.67 8.34 3.01
CA PRO D 80 9.89 7.58 2.93
C PRO D 80 9.54 6.14 2.55
N LEU D 81 10.48 5.44 1.95
CA LEU D 81 10.21 4.05 1.59
C LEU D 81 9.78 3.20 2.76
N GLN D 82 10.44 3.34 3.93
CA GLN D 82 10.12 2.59 5.18
C GLN D 82 8.69 2.78 5.69
N ASN D 83 8.15 3.99 5.63
CA ASN D 83 6.78 4.27 6.14
C ASN D 83 6.06 5.16 5.15
N PRO D 84 5.55 4.57 4.07
CA PRO D 84 4.91 5.28 3.00
C PRO D 84 3.66 5.92 3.40
N PHE D 85 3.25 6.90 2.64
CA PHE D 85 1.93 7.50 2.68
C PHE D 85 1.25 7.17 1.35
N TYR D 86 -0.04 6.90 1.40
CA TYR D 86 -0.84 6.69 0.18
C TYR D 86 -1.84 7.77 -0.04
N ARG D 87 -1.88 8.35 -1.22
CA ARG D 87 -2.85 9.39 -1.42
C ARG D 87 -3.84 8.85 -2.39
N ILE D 88 -5.12 8.97 -2.03
CA ILE D 88 -6.25 8.59 -2.89
C ILE D 88 -7.03 9.84 -3.26
N LYS D 89 -7.02 10.23 -4.54
CA LYS D 89 -7.73 11.41 -4.91
C LYS D 89 -9.18 11.04 -5.31
N LEU D 90 -10.20 11.49 -4.59
CA LEU D 90 -11.59 11.20 -5.01
C LEU D 90 -12.14 12.21 -5.97
N PRO D 91 -12.96 11.75 -6.92
CA PRO D 91 -13.51 12.73 -7.88
C PRO D 91 -14.67 13.58 -7.28
N ASP D 92 -14.96 14.72 -7.90
CA ASP D 92 -16.04 15.55 -7.43
C ASP D 92 -17.34 14.82 -7.18
N SER D 93 -17.64 13.79 -7.95
CA SER D 93 -18.92 13.08 -7.81
C SER D 93 -18.98 12.27 -6.50
N LYS D 94 -17.84 12.10 -5.86
CA LYS D 94 -17.80 11.28 -4.66
C LYS D 94 -17.69 12.12 -3.34
N LYS D 95 -18.17 13.34 -3.43
CA LYS D 95 -18.14 14.23 -2.28
C LYS D 95 -18.74 13.66 -1.02
N ASN D 96 -19.90 13.02 -1.19
CA ASN D 96 -20.55 12.32 -0.08
C ASN D 96 -19.68 11.30 0.60
N LEU D 97 -18.87 10.57 -0.17
CA LEU D 97 -17.98 9.58 0.37
C LEU D 97 -16.89 10.32 1.12
N PHE D 98 -16.33 11.35 0.53
CA PHE D 98 -15.27 12.12 1.21
C PHE D 98 -15.67 12.59 2.61
N ASP D 99 -16.81 13.24 2.72
CA ASP D 99 -17.37 13.61 4.01
C ASP D 99 -17.50 12.42 4.97
N GLU D 100 -17.89 11.24 4.46
CA GLU D 100 -18.02 10.04 5.29
C GLU D 100 -16.63 9.58 5.74
N LEU D 101 -15.62 9.70 4.91
CA LEU D 101 -14.32 9.22 5.33
C LEU D 101 -13.67 10.20 6.29
N LYS D 102 -13.90 11.48 6.03
CA LYS D 102 -13.37 12.61 6.81
C LYS D 102 -13.70 12.42 8.24
N VAL D 103 -14.79 11.73 8.46
CA VAL D 103 -15.29 11.52 9.79
C VAL D 103 -14.78 10.21 10.42
N ARG D 104 -14.10 9.39 9.65
CA ARG D 104 -13.68 8.06 10.11
C ARG D 104 -12.17 7.93 10.24
N LEU D 105 -11.49 9.09 10.23
CA LEU D 105 -10.07 9.18 10.42
C LEU D 105 -9.59 8.35 11.57
N GLY D 106 -8.52 7.58 11.38
CA GLY D 106 -7.98 6.72 12.45
C GLY D 106 -8.34 5.25 12.34
N GLU D 107 -9.38 4.93 11.60
CA GLU D 107 -9.67 3.55 11.21
C GLU D 107 -8.53 2.92 10.37
N LYS D 108 -8.32 1.60 10.54
CA LYS D 108 -7.37 0.82 9.72
C LYS D 108 -7.81 0.81 8.27
N ALA D 109 -6.93 1.05 7.30
CA ALA D 109 -7.27 0.85 5.89
C ALA D 109 -6.75 -0.44 5.36
N PHE D 110 -7.33 -0.89 4.28
CA PHE D 110 -6.99 -2.18 3.71
C PHE D 110 -6.93 -2.08 2.25
N ILE D 111 -6.18 -3.01 1.66
CA ILE D 111 -5.93 -3.09 0.24
C ILE D 111 -6.66 -4.30 -0.26
N VAL D 112 -7.46 -4.15 -1.31
CA VAL D 112 -8.17 -5.25 -1.96
C VAL D 112 -7.24 -6.15 -2.77
N THR D 113 -7.61 -7.41 -3.00
CA THR D 113 -6.67 -8.36 -3.64
C THR D 113 -7.05 -9.30 -4.83
N GLU E 13 -2.16 -25.88 24.20
CA GLU E 13 -3.07 -26.29 25.32
C GLU E 13 -4.06 -27.46 25.01
N THR E 14 -5.37 -27.19 24.90
CA THR E 14 -6.31 -28.20 24.38
C THR E 14 -6.17 -28.17 22.84
N VAL E 15 -5.01 -27.71 22.40
CA VAL E 15 -4.78 -27.48 20.98
C VAL E 15 -3.51 -28.25 20.58
N PRO E 16 -3.65 -29.19 19.61
CA PRO E 16 -2.66 -30.21 19.66
C PRO E 16 -1.54 -29.75 18.77
N GLU E 17 -0.75 -30.73 18.27
CA GLU E 17 0.42 -30.14 17.86
C GLU E 17 1.60 -30.80 17.28
N LEU E 18 1.88 -30.27 16.13
CA LEU E 18 2.76 -30.95 15.32
C LEU E 18 3.99 -30.12 15.21
N PRO E 19 5.08 -30.79 14.93
CA PRO E 19 6.41 -30.24 14.89
C PRO E 19 6.52 -29.19 13.82
N GLU E 20 7.54 -28.34 13.95
CA GLU E 20 7.65 -27.20 13.07
C GLU E 20 7.98 -27.67 11.73
N ASP E 21 8.80 -28.69 11.70
CA ASP E 21 9.33 -29.12 10.44
C ASP E 21 8.49 -30.22 9.81
N TYR E 22 7.27 -30.40 10.33
CA TYR E 22 6.35 -31.33 9.71
C TYR E 22 5.91 -30.75 8.42
N GLU E 23 6.11 -31.50 7.36
CA GLU E 23 5.60 -31.06 6.08
C GLU E 23 4.95 -32.27 5.51
N ILE E 24 3.85 -32.06 4.77
CA ILE E 24 3.24 -33.16 4.09
C ILE E 24 4.05 -33.55 2.90
N SER E 25 4.28 -34.85 2.79
CA SER E 25 5.11 -35.38 1.73
C SER E 25 4.40 -35.37 0.37
N GLU E 26 5.10 -34.96 -0.68
CA GLU E 26 4.50 -34.93 -2.02
C GLU E 26 4.05 -36.28 -2.51
N LYS E 27 4.55 -37.29 -1.79
CA LYS E 27 4.20 -38.66 -2.06
C LYS E 27 2.86 -39.07 -1.47
N THR E 28 2.47 -38.48 -0.35
CA THR E 28 1.30 -39.03 0.32
C THR E 28 -0.03 -38.59 -0.28
N ILE E 29 -1.05 -39.46 -0.09
CA ILE E 29 -2.34 -39.30 -0.74
C ILE E 29 -3.16 -38.22 -0.06
N ILE E 30 -3.53 -37.24 -0.88
CA ILE E 30 -4.36 -36.12 -0.47
C ILE E 30 -5.78 -36.34 -0.93
N THR E 31 -6.75 -35.82 -0.20
CA THR E 31 -8.14 -36.10 -0.53
C THR E 31 -8.99 -34.89 -0.30
N PRO E 32 -9.71 -34.43 -1.34
CA PRO E 32 -10.55 -33.23 -1.15
C PRO E 32 -11.61 -33.47 -0.10
N ILE E 33 -11.80 -32.49 0.77
CA ILE E 33 -12.66 -32.69 1.92
C ILE E 33 -13.70 -31.60 2.11
N GLY E 34 -13.42 -30.42 1.58
CA GLY E 34 -14.33 -29.28 1.76
C GLY E 34 -13.73 -27.97 1.27
N VAL E 35 -14.20 -26.86 1.84
CA VAL E 35 -13.75 -25.54 1.46
C VAL E 35 -13.39 -24.75 2.69
N LEU E 36 -12.22 -24.15 2.69
CA LEU E 36 -11.79 -23.27 3.76
C LEU E 36 -12.67 -22.02 3.80
N LYS E 37 -13.52 -21.89 4.81
CA LYS E 37 -14.52 -20.80 4.86
C LYS E 37 -14.28 -19.65 5.85
N SER E 38 -13.58 -19.90 6.95
CA SER E 38 -13.47 -18.88 7.97
C SER E 38 -12.22 -19.00 8.86
N ALA E 39 -11.74 -17.86 9.32
CA ALA E 39 -10.58 -17.81 10.18
C ALA E 39 -10.72 -16.72 11.18
N PHE E 40 -10.90 -17.11 12.42
CA PHE E 40 -10.96 -16.14 13.50
C PHE E 40 -10.31 -16.75 14.74
N GLU E 41 -9.65 -15.91 15.53
CA GLU E 41 -9.11 -16.32 16.82
C GLU E 41 -8.39 -17.64 16.77
N ASN E 42 -7.45 -17.73 15.85
CA ASN E 42 -6.65 -18.93 15.68
C ASN E 42 -7.45 -20.14 15.34
N ASN E 43 -8.70 -19.98 14.98
CA ASN E 43 -9.43 -21.14 14.51
C ASN E 43 -9.56 -21.03 13.05
N ILE E 44 -9.51 -22.17 12.38
CA ILE E 44 -9.81 -22.23 10.97
C ILE E 44 -11.02 -23.11 10.80
N ILE E 45 -12.02 -22.66 10.04
CA ILE E 45 -13.20 -23.45 9.84
C ILE E 45 -13.30 -23.93 8.42
N ILE E 46 -13.48 -25.23 8.24
CA ILE E 46 -13.72 -25.80 6.93
C ILE E 46 -15.17 -26.25 6.80
N HIS E 47 -15.78 -26.14 5.66
CA HIS E 47 -17.14 -26.66 5.50
C HIS E 47 -17.13 -27.84 4.55
N ALA E 48 -17.64 -28.98 5.00
CA ALA E 48 -17.71 -30.16 4.15
C ALA E 48 -18.65 -30.07 2.96
N THR E 49 -19.15 -28.86 2.67
CA THR E 49 -19.97 -28.55 1.47
C THR E 49 -19.43 -29.22 0.17
N SER E 51 -19.61 -32.42 -1.71
CA SER E 51 -20.57 -33.52 -1.99
C SER E 51 -20.10 -34.93 -1.60
N GLY E 52 -20.81 -35.94 -2.12
CA GLY E 52 -20.48 -37.34 -1.88
C GLY E 52 -21.00 -37.92 -0.56
N GLU E 53 -20.50 -39.12 -0.24
CA GLU E 53 -20.68 -39.75 1.06
C GLU E 53 -19.85 -38.97 2.08
N LYS E 54 -20.50 -38.38 3.08
CA LYS E 54 -19.80 -37.58 4.13
C LYS E 54 -19.14 -38.49 5.20
N ARG E 55 -17.85 -38.80 5.01
CA ARG E 55 -17.11 -39.84 5.77
C ARG E 55 -16.72 -39.31 7.18
N VAL E 56 -17.68 -38.61 7.86
CA VAL E 56 -17.43 -37.67 9.02
C VAL E 56 -16.30 -38.16 9.97
N LEU E 57 -15.35 -37.30 10.30
CA LEU E 57 -13.95 -37.71 10.36
C LEU E 57 -13.29 -38.47 11.51
N LYS E 58 -12.40 -39.38 11.08
CA LYS E 58 -11.40 -40.02 11.91
C LYS E 58 -10.54 -38.91 12.52
N GLU E 59 -10.46 -38.81 13.84
CA GLU E 59 -9.54 -37.85 14.52
C GLU E 59 -8.05 -38.11 14.31
N GLY E 60 -7.25 -37.11 14.67
CA GLY E 60 -5.88 -36.96 14.18
C GLY E 60 -5.78 -36.93 12.67
N SER E 61 -6.69 -36.23 12.02
CA SER E 61 -6.59 -36.08 10.58
C SER E 61 -5.93 -34.77 10.34
N ILE E 62 -5.08 -34.72 9.32
CA ILE E 62 -4.43 -33.48 8.97
C ILE E 62 -5.12 -32.82 7.76
N PHE E 63 -5.37 -31.52 7.87
CA PHE E 63 -5.87 -30.75 6.77
C PHE E 63 -4.78 -29.92 6.15
N CYS E 64 -4.87 -29.77 4.83
CA CYS E 64 -3.95 -28.96 4.05
C CYS E 64 -4.65 -28.39 2.84
N LEU E 65 -3.98 -27.48 2.12
CA LEU E 65 -4.51 -26.96 0.85
C LEU E 65 -4.06 -27.85 -0.25
N GLU E 66 -4.46 -27.50 -1.46
CA GLU E 66 -4.00 -28.23 -2.67
C GLU E 66 -2.49 -28.20 -2.96
N ASP E 67 -1.84 -27.12 -2.55
CA ASP E 67 -0.40 -27.05 -2.68
C ASP E 67 0.30 -27.63 -1.45
N ARG E 68 -0.46 -28.35 -0.63
CA ARG E 68 0.08 -29.07 0.53
C ARG E 68 0.53 -28.16 1.69
N THR E 69 0.08 -26.90 1.66
CA THR E 69 0.26 -25.98 2.75
C THR E 69 -0.51 -26.60 3.91
N LEU E 70 0.17 -26.80 5.01
CA LEU E 70 -0.43 -27.47 6.12
C LEU E 70 -1.41 -26.57 6.84
N ILE E 71 -2.63 -27.03 7.09
CA ILE E 71 -3.52 -26.26 7.90
C ILE E 71 -3.43 -26.67 9.36
N GLY E 72 -3.61 -27.96 9.63
CA GLY E 72 -3.39 -28.50 10.95
C GLY E 72 -4.25 -29.71 11.26
N LEU E 74 -7.42 -31.86 12.93
CA LEU E 74 -8.81 -31.73 13.30
C LEU E 74 -9.00 -31.47 14.81
N THR E 75 -9.74 -30.41 15.18
CA THR E 75 -9.96 -30.15 16.58
C THR E 75 -11.40 -30.50 16.90
N GLU E 76 -12.33 -30.15 16.02
CA GLU E 76 -13.72 -30.40 16.32
C GLU E 76 -14.55 -30.58 15.07
N VAL E 77 -15.50 -31.48 15.19
CA VAL E 77 -16.51 -31.61 14.16
C VAL E 77 -17.85 -31.07 14.65
N PHE E 78 -18.46 -30.12 13.95
CA PHE E 78 -19.76 -29.67 14.39
C PHE E 78 -20.62 -29.56 13.21
N GLY E 79 -21.80 -28.99 13.37
CA GLY E 79 -22.69 -28.81 12.26
C GLY E 79 -23.52 -30.05 12.10
N PRO E 80 -24.49 -30.05 11.16
CA PRO E 80 -25.39 -31.17 10.98
C PRO E 80 -24.60 -32.29 10.31
N LEU E 81 -25.05 -33.53 10.50
CA LEU E 81 -24.34 -34.68 9.99
C LEU E 81 -24.16 -34.67 8.48
N GLN E 82 -25.21 -34.20 7.77
CA GLN E 82 -25.16 -34.09 6.29
C GLN E 82 -24.08 -33.16 5.80
N ASN E 83 -23.94 -31.98 6.40
CA ASN E 83 -22.90 -31.04 5.97
C ASN E 83 -22.21 -30.55 7.19
N PRO E 84 -21.22 -31.28 7.64
CA PRO E 84 -20.39 -31.02 8.77
C PRO E 84 -19.53 -29.83 8.61
N PHE E 85 -19.13 -29.23 9.73
CA PHE E 85 -18.12 -28.23 9.69
C PHE E 85 -16.87 -28.74 10.36
N TYR E 86 -15.69 -28.32 9.93
CA TYR E 86 -14.51 -28.75 10.69
C TYR E 86 -13.78 -27.59 11.29
N ARG E 87 -13.42 -27.72 12.56
CA ARG E 87 -12.66 -26.66 13.19
C ARG E 87 -11.28 -27.18 13.46
N ILE E 88 -10.26 -26.43 13.00
CA ILE E 88 -8.87 -26.60 13.39
C ILE E 88 -8.40 -25.42 14.21
N LYS E 89 -8.01 -25.69 15.44
CA LYS E 89 -7.51 -24.63 16.29
C LYS E 89 -6.01 -24.58 16.23
N LEU E 90 -5.43 -23.48 15.78
CA LEU E 90 -3.99 -23.36 15.73
C LEU E 90 -3.41 -22.79 17.01
N PRO E 91 -2.21 -23.24 17.39
CA PRO E 91 -1.60 -22.72 18.58
C PRO E 91 -1.02 -21.35 18.32
N ASP E 92 -0.69 -20.65 19.40
CA ASP E 92 -0.10 -19.30 19.31
C ASP E 92 1.15 -19.22 18.48
N SER E 93 1.95 -20.29 18.53
CA SER E 93 3.19 -20.32 17.78
C SER E 93 2.97 -20.32 16.26
N LYS E 94 1.74 -20.58 15.84
CA LYS E 94 1.47 -20.65 14.41
C LYS E 94 0.69 -19.45 13.87
N LYS E 95 0.82 -18.33 14.55
CA LYS E 95 0.14 -17.13 14.14
C LYS E 95 0.41 -16.80 12.67
N ASN E 96 1.67 -16.94 12.26
CA ASN E 96 2.06 -16.63 10.90
C ASN E 96 1.32 -17.48 9.89
N LEU E 97 1.07 -18.72 10.25
CA LEU E 97 0.29 -19.60 9.41
C LEU E 97 -1.17 -19.14 9.35
N PHE E 98 -1.69 -18.70 10.49
CA PHE E 98 -3.07 -18.27 10.58
C PHE E 98 -3.29 -17.12 9.60
N ASP E 99 -2.44 -16.10 9.69
CA ASP E 99 -2.51 -14.96 8.80
C ASP E 99 -2.43 -15.33 7.33
N GLU E 100 -1.63 -16.34 7.01
CA GLU E 100 -1.57 -16.85 5.66
C GLU E 100 -2.84 -17.55 5.21
N LEU E 101 -3.53 -18.22 6.13
CA LEU E 101 -4.72 -18.93 5.78
C LEU E 101 -5.93 -17.99 5.75
N LYS E 102 -5.89 -17.02 6.65
CA LYS E 102 -6.86 -15.94 6.74
C LYS E 102 -7.11 -15.33 5.38
N VAL E 103 -6.04 -15.30 4.61
CA VAL E 103 -6.02 -14.64 3.35
C VAL E 103 -6.39 -15.61 2.20
N ARG E 104 -6.62 -16.87 2.53
CA ARG E 104 -6.78 -17.92 1.52
C ARG E 104 -8.15 -18.56 1.52
N LEU E 105 -9.07 -17.94 2.26
CA LEU E 105 -10.49 -18.33 2.29
C LEU E 105 -11.05 -18.63 0.91
N GLY E 106 -11.80 -19.73 0.82
CA GLY E 106 -12.45 -20.09 -0.43
C GLY E 106 -11.78 -21.21 -1.19
N GLU E 107 -10.48 -21.41 -0.93
CA GLU E 107 -9.69 -22.51 -1.50
C GLU E 107 -10.17 -23.86 -1.01
N LYS E 108 -10.07 -24.89 -1.85
CA LYS E 108 -10.46 -26.24 -1.45
C LYS E 108 -9.50 -26.79 -0.40
N ALA E 109 -10.06 -27.41 0.65
CA ALA E 109 -9.26 -28.12 1.64
C ALA E 109 -9.24 -29.61 1.43
N PHE E 110 -8.17 -30.22 1.92
CA PHE E 110 -7.95 -31.63 1.75
C PHE E 110 -7.55 -32.29 3.06
N ILE E 111 -7.81 -33.58 3.11
CA ILE E 111 -7.41 -34.40 4.21
C ILE E 111 -6.25 -35.32 3.77
N VAL E 112 -5.19 -35.34 4.57
CA VAL E 112 -4.04 -36.20 4.30
C VAL E 112 -4.38 -37.62 4.66
N THR E 113 -3.77 -38.58 4.00
CA THR E 113 -4.09 -40.01 4.21
C THR E 113 -2.87 -40.95 4.31
N GLU F 17 6.26 17.50 -25.37
CA GLU F 17 5.49 17.84 -26.53
C GLU F 17 5.83 18.86 -27.55
N LEU F 18 7.11 19.07 -27.77
CA LEU F 18 7.51 20.28 -28.35
C LEU F 18 7.41 20.17 -29.86
N PRO F 19 7.07 21.25 -30.53
CA PRO F 19 6.94 21.20 -31.99
C PRO F 19 8.20 20.72 -32.68
N GLU F 20 8.13 20.53 -33.98
CA GLU F 20 9.28 19.93 -34.62
C GLU F 20 10.34 20.95 -34.85
N ASP F 21 9.93 22.04 -35.47
CA ASP F 21 10.83 23.14 -35.73
C ASP F 21 11.39 23.86 -34.55
N TYR F 22 11.13 23.37 -33.36
CA TYR F 22 11.57 24.09 -32.22
C TYR F 22 13.06 23.80 -32.09
N GLU F 23 13.83 24.88 -32.17
CA GLU F 23 15.19 24.85 -31.65
C GLU F 23 15.38 25.98 -30.67
N ILE F 24 16.35 25.77 -29.77
CA ILE F 24 16.72 26.84 -28.87
C ILE F 24 17.48 27.99 -29.57
N SER F 25 16.95 29.19 -29.48
CA SER F 25 17.65 30.29 -30.19
C SER F 25 18.94 30.70 -29.45
N GLU F 26 20.00 30.92 -30.19
CA GLU F 26 21.26 31.26 -29.54
C GLU F 26 21.28 32.50 -28.69
N LYS F 27 20.16 33.15 -28.64
CA LYS F 27 20.09 34.39 -28.01
C LYS F 27 19.63 34.21 -26.58
N THR F 28 18.97 33.09 -26.32
CA THR F 28 18.30 32.86 -25.06
C THR F 28 19.26 32.42 -23.95
N ILE F 29 18.93 32.83 -22.73
CA ILE F 29 19.67 32.50 -21.51
C ILE F 29 19.55 31.07 -21.11
N ILE F 30 20.72 30.46 -20.99
CA ILE F 30 20.91 29.09 -20.65
C ILE F 30 21.52 29.03 -19.25
N THR F 31 21.31 27.94 -18.55
CA THR F 31 21.78 27.89 -17.17
C THR F 31 22.23 26.49 -16.81
N PRO F 32 23.46 26.34 -16.26
CA PRO F 32 23.90 24.94 -15.99
C PRO F 32 22.94 24.35 -14.99
N ILE F 33 22.68 23.06 -15.09
CA ILE F 33 21.72 22.47 -14.19
C ILE F 33 22.14 21.10 -13.61
N GLY F 34 23.04 20.38 -14.30
CA GLY F 34 23.43 19.06 -13.88
C GLY F 34 24.32 18.46 -14.93
N VAL F 35 24.31 17.15 -15.05
CA VAL F 35 25.16 16.40 -15.96
C VAL F 35 24.34 15.23 -16.53
N LEU F 36 24.40 15.06 -17.84
CA LEU F 36 23.56 14.06 -18.45
C LEU F 36 24.16 12.73 -18.01
N LYS F 37 23.40 11.93 -17.27
CA LYS F 37 23.99 10.67 -16.80
C LYS F 37 23.48 9.38 -17.45
N SER F 38 22.30 9.36 -18.05
CA SER F 38 21.80 8.08 -18.52
C SER F 38 20.73 8.17 -19.62
N ALA F 39 20.71 7.21 -20.52
CA ALA F 39 19.64 7.18 -21.50
C ALA F 39 19.22 5.77 -21.64
N PHE F 40 17.97 5.48 -21.36
CA PHE F 40 17.34 4.15 -21.61
C PHE F 40 15.84 4.31 -21.87
N GLU F 41 15.30 3.50 -22.75
CA GLU F 41 13.90 3.51 -23.03
C GLU F 41 13.31 4.89 -23.25
N ASN F 42 13.93 5.62 -24.14
CA ASN F 42 13.49 6.96 -24.44
C ASN F 42 13.50 7.91 -23.24
N ASN F 43 14.09 7.51 -22.12
CA ASN F 43 14.18 8.49 -21.05
C ASN F 43 15.59 9.01 -21.04
N ILE F 44 15.73 10.29 -20.73
CA ILE F 44 17.04 10.85 -20.46
C ILE F 44 17.15 11.27 -18.99
N ILE F 45 18.23 10.89 -18.30
CA ILE F 45 18.30 11.18 -16.86
C ILE F 45 19.39 12.19 -16.62
N ILE F 46 19.10 13.26 -15.91
CA ILE F 46 20.07 14.24 -15.58
C ILE F 46 20.41 14.34 -14.12
N HIS F 47 21.68 14.44 -13.71
CA HIS F 47 21.94 14.50 -12.23
C HIS F 47 22.24 15.92 -11.85
N ALA F 48 21.54 16.54 -10.87
CA ALA F 48 21.67 17.99 -10.54
C ALA F 48 23.03 18.26 -9.95
N THR F 49 23.70 19.37 -10.32
CA THR F 49 24.93 19.80 -9.61
C THR F 49 24.93 21.27 -9.22
N VAL F 56 16.41 29.20 -11.11
CA VAL F 56 15.54 28.13 -10.57
C VAL F 56 14.99 27.21 -11.70
N LEU F 57 14.50 26.02 -11.35
CA LEU F 57 13.85 25.07 -12.29
C LEU F 57 12.34 25.28 -12.17
N LYS F 58 11.62 25.14 -13.28
CA LYS F 58 10.14 25.26 -13.28
C LYS F 58 9.47 23.94 -13.77
N GLU F 59 8.25 23.59 -13.40
CA GLU F 59 7.56 22.59 -14.19
C GLU F 59 7.57 23.03 -15.72
N GLY F 60 7.83 22.10 -16.62
CA GLY F 60 7.82 22.57 -18.02
C GLY F 60 9.04 23.36 -18.48
N SER F 61 10.10 23.33 -17.70
CA SER F 61 11.43 23.77 -18.15
C SER F 61 12.03 22.90 -19.23
N ILE F 62 12.78 23.49 -20.14
CA ILE F 62 13.42 22.77 -21.24
C ILE F 62 14.92 22.57 -20.96
N PHE F 63 15.40 21.34 -21.08
CA PHE F 63 16.76 21.05 -20.94
C PHE F 63 17.44 20.98 -22.31
N CYS F 64 18.75 21.29 -22.34
CA CYS F 64 19.56 21.21 -23.51
C CYS F 64 21.02 21.03 -23.08
N LEU F 65 21.91 20.74 -24.03
CA LEU F 65 23.33 20.71 -23.77
C LEU F 65 23.93 22.08 -23.93
N GLU F 66 25.24 22.18 -23.81
CA GLU F 66 25.88 23.47 -23.98
C GLU F 66 25.86 24.01 -25.39
N ASP F 67 25.77 23.17 -26.39
CA ASP F 67 25.68 23.68 -27.77
C ASP F 67 24.17 23.86 -28.12
N ARG F 68 23.31 23.91 -27.12
CA ARG F 68 21.92 24.21 -27.38
C ARG F 68 21.12 23.06 -28.04
N THR F 69 21.74 21.88 -28.03
CA THR F 69 21.08 20.66 -28.50
C THR F 69 19.98 20.32 -27.55
N LEU F 70 18.77 20.31 -28.06
CA LEU F 70 17.59 20.20 -27.24
C LEU F 70 17.42 18.80 -26.66
N ILE F 71 17.30 18.70 -25.34
CA ILE F 71 16.99 17.43 -24.73
C ILE F 71 15.47 17.27 -24.64
N GLY F 72 14.81 18.11 -23.85
CA GLY F 72 13.36 18.07 -23.86
C GLY F 72 12.83 18.71 -22.60
N LEU F 74 11.09 18.80 -18.81
CA LEU F 74 11.03 18.03 -17.54
C LEU F 74 9.81 17.13 -17.38
N THR F 75 9.98 15.85 -17.02
CA THR F 75 8.80 14.98 -16.91
C THR F 75 8.72 14.57 -15.47
N GLU F 76 9.88 14.39 -14.83
CA GLU F 76 9.84 13.92 -13.48
C GLU F 76 11.05 14.32 -12.66
N VAL F 77 10.78 14.76 -11.41
CA VAL F 77 11.84 14.97 -10.44
C VAL F 77 11.88 13.84 -9.39
N PHE F 78 12.97 13.09 -9.37
CA PHE F 78 13.11 12.13 -8.28
C PHE F 78 14.50 12.19 -7.58
N GLY F 79 14.78 11.19 -6.74
CA GLY F 79 15.97 11.28 -5.98
C GLY F 79 15.77 12.02 -4.68
N PRO F 80 16.82 12.13 -3.91
CA PRO F 80 16.70 12.86 -2.61
C PRO F 80 16.68 14.32 -2.87
N LEU F 81 16.14 15.12 -1.93
CA LEU F 81 16.05 16.58 -2.13
C LEU F 81 17.38 17.30 -2.36
N GLN F 82 18.45 16.81 -1.73
CA GLN F 82 19.77 17.43 -1.88
C GLN F 82 20.35 17.31 -3.24
N ASN F 83 20.25 16.12 -3.81
CA ASN F 83 20.80 15.89 -5.15
C ASN F 83 19.79 15.16 -5.95
N PRO F 84 18.88 15.91 -6.57
CA PRO F 84 17.82 15.40 -7.36
C PRO F 84 18.31 14.76 -8.63
N PHE F 85 17.45 13.99 -9.31
CA PHE F 85 17.69 13.57 -10.62
C PHE F 85 16.57 14.08 -11.42
N TYR F 86 16.79 14.39 -12.70
CA TYR F 86 15.70 14.77 -13.58
C TYR F 86 15.48 13.75 -14.70
N ARG F 87 14.22 13.41 -14.95
CA ARG F 87 13.92 12.50 -15.97
C ARG F 87 13.17 13.27 -17.04
N ILE F 88 13.64 13.14 -18.29
CA ILE F 88 12.98 13.69 -19.48
C ILE F 88 12.59 12.53 -20.38
N LYS F 89 11.29 12.36 -20.58
CA LYS F 89 10.83 11.31 -21.45
C LYS F 89 10.70 11.88 -22.83
N LEU F 90 11.40 11.32 -23.82
CA LEU F 90 11.18 11.73 -25.19
C LEU F 90 10.17 10.87 -25.86
N PRO F 91 9.38 11.40 -26.77
CA PRO F 91 8.40 10.65 -27.50
C PRO F 91 9.01 9.81 -28.58
N ASP F 92 8.28 8.82 -29.08
CA ASP F 92 8.79 7.92 -30.13
C ASP F 92 9.32 8.66 -31.34
N SER F 93 8.71 9.80 -31.64
CA SER F 93 9.08 10.52 -32.85
C SER F 93 10.49 11.05 -32.71
N LYS F 94 11.01 11.10 -31.50
CA LYS F 94 12.35 11.64 -31.31
C LYS F 94 13.44 10.59 -31.01
N LYS F 95 13.31 9.45 -31.64
CA LYS F 95 14.23 8.38 -31.45
C LYS F 95 15.61 8.77 -31.91
N ASN F 96 15.66 9.51 -33.01
CA ASN F 96 16.94 9.96 -33.53
C ASN F 96 17.69 10.82 -32.52
N LEU F 97 16.94 11.63 -31.77
CA LEU F 97 17.53 12.52 -30.79
C LEU F 97 17.99 11.71 -29.56
N PHE F 98 17.20 10.72 -29.15
CA PHE F 98 17.62 9.82 -28.09
C PHE F 98 19.01 9.26 -28.47
N ASP F 99 19.12 8.69 -29.65
CA ASP F 99 20.34 8.01 -30.02
C ASP F 99 21.51 8.96 -29.99
N GLU F 100 21.24 10.23 -30.27
CA GLU F 100 22.30 11.21 -30.22
C GLU F 100 22.69 11.56 -28.77
N LEU F 101 21.73 11.52 -27.89
CA LEU F 101 22.00 11.90 -26.53
C LEU F 101 22.60 10.71 -25.82
N LYS F 102 22.11 9.51 -26.14
CA LYS F 102 22.68 8.23 -25.66
C LYS F 102 24.19 8.27 -25.72
N VAL F 103 24.70 8.95 -26.69
CA VAL F 103 26.11 8.84 -26.99
C VAL F 103 26.88 9.95 -26.30
N ARG F 104 26.16 10.87 -25.66
CA ARG F 104 26.75 12.12 -25.17
C ARG F 104 26.72 12.20 -23.64
N LEU F 105 26.62 11.05 -23.01
CA LEU F 105 26.56 10.95 -21.57
C LEU F 105 27.75 11.64 -20.96
N GLY F 106 27.51 12.34 -19.87
CA GLY F 106 28.60 12.96 -19.14
C GLY F 106 28.70 14.45 -19.37
N GLU F 107 28.10 14.92 -20.46
CA GLU F 107 28.06 16.34 -20.82
C GLU F 107 27.26 17.14 -19.84
N LYS F 108 27.60 18.42 -19.72
CA LYS F 108 26.81 19.25 -18.77
C LYS F 108 25.48 19.53 -19.38
N ALA F 109 24.40 19.45 -18.60
CA ALA F 109 23.08 19.85 -19.01
C ALA F 109 22.72 21.26 -18.55
N PHE F 110 21.81 21.87 -19.27
CA PHE F 110 21.44 23.21 -18.92
C PHE F 110 19.98 23.37 -19.01
N ILE F 111 19.47 24.41 -18.36
CA ILE F 111 18.07 24.67 -18.33
C ILE F 111 17.85 25.99 -19.09
N VAL F 112 16.94 25.97 -20.07
CA VAL F 112 16.54 27.22 -20.78
C VAL F 112 15.76 28.18 -19.90
N THR F 113 15.88 29.46 -20.13
CA THR F 113 15.24 30.46 -19.26
C THR F 113 14.63 31.67 -19.97
#